data_1S9U
#
_entry.id   1S9U
#
_cell.length_a   85.401
_cell.length_b   79.355
_cell.length_c   43.470
_cell.angle_alpha   90.00
_cell.angle_beta   115.14
_cell.angle_gamma   90.00
#
_symmetry.space_group_name_H-M   'C 1 2 1'
#
loop_
_entity.id
_entity.type
_entity.pdbx_description
1 polymer 'putative component of anaerobic dehydrogenases'
2 non-polymer 'SULFATE ION'
3 non-polymer DI(HYDROXYETHYL)ETHER
4 water water
#
_entity_poly.entity_id   1
_entity_poly.type   'polypeptide(L)'
_entity_poly.pdbx_seq_one_letter_code
;SDA(MSE)TTFLQRDEFAVTARVLGALFYYSPESHETAPLVQALLNDDWQAQWPLDAEALAPVAA(MSE)FKTHSEESLP
QAWQRLFIGPYALPSPPWGSVWLDRESVLFGDSTLALRQW(MSE)RENGIQFE(MSE)QQNEPEDHFGSLLLLAAWLAEN
DRHHECEQLLAWHLFPWSSRFLDVFIDHAGHPFYQALGQLARLTLAQWQAQLIIPVAVKPLFR
;
_entity_poly.pdbx_strand_id   A
#
loop_
_chem_comp.id
_chem_comp.type
_chem_comp.name
_chem_comp.formula
PEG non-polymer DI(HYDROXYETHYL)ETHER 'C4 H10 O3'
SO4 non-polymer 'SULFATE ION' 'O4 S -2'
#
# COMPACT_ATOMS: atom_id res chain seq x y z
N SER A 1 22.61 -9.30 -11.96
CA SER A 1 21.42 -10.13 -12.28
C SER A 1 21.74 -11.27 -13.23
N ASP A 2 21.07 -12.40 -13.04
CA ASP A 2 21.00 -13.43 -14.07
C ASP A 2 19.62 -14.10 -14.04
N ALA A 3 19.35 -14.95 -15.01
CA ALA A 3 18.00 -15.47 -15.23
C ALA A 3 17.60 -16.36 -14.05
N MSE A 4 18.56 -17.06 -13.47
CA MSE A 4 18.23 -17.92 -12.33
C MSE A 4 17.86 -17.15 -11.08
O MSE A 4 16.84 -17.39 -10.43
CB MSE A 4 19.32 -18.94 -12.03
CG MSE A 4 19.00 -19.86 -10.86
SE MSE A 4 17.42 -21.01 -11.15
CE MSE A 4 18.16 -21.89 -12.34
N THR A 5 18.69 -16.18 -10.69
CA THR A 5 18.37 -15.39 -9.51
C THR A 5 17.10 -14.58 -9.73
N THR A 6 16.88 -14.08 -10.93
CA THR A 6 15.68 -13.33 -11.23
C THR A 6 14.43 -14.21 -11.04
N PHE A 7 14.49 -15.45 -11.54
CA PHE A 7 13.36 -16.35 -11.39
C PHE A 7 13.13 -16.72 -9.93
N LEU A 8 14.20 -17.02 -9.22
CA LEU A 8 14.08 -17.40 -7.81
C LEU A 8 13.48 -16.28 -6.96
N GLN A 9 13.71 -15.03 -7.39
CA GLN A 9 13.20 -13.84 -6.72
C GLN A 9 11.87 -13.37 -7.30
N ARG A 10 11.19 -14.19 -8.10
CA ARG A 10 10.01 -13.74 -8.80
C ARG A 10 8.93 -13.21 -7.88
N ASP A 11 8.81 -13.75 -6.67
CA ASP A 11 7.69 -13.41 -5.79
C ASP A 11 7.91 -12.17 -4.94
N GLU A 12 9.06 -11.48 -5.07
CA GLU A 12 9.34 -10.30 -4.23
C GLU A 12 8.24 -9.26 -4.35
N PHE A 13 7.85 -8.95 -5.57
CA PHE A 13 6.82 -7.94 -5.77
C PHE A 13 5.51 -8.36 -5.14
N ALA A 14 5.02 -9.55 -5.51
CA ALA A 14 3.69 -9.92 -5.10
C ALA A 14 3.60 -10.10 -3.60
N VAL A 15 4.60 -10.68 -2.96
CA VAL A 15 4.50 -10.94 -1.54
C VAL A 15 4.54 -9.63 -0.75
N THR A 16 5.39 -8.70 -1.16
CA THR A 16 5.44 -7.41 -0.48
C THR A 16 4.15 -6.63 -0.72
N ALA A 17 3.58 -6.71 -1.91
CA ALA A 17 2.29 -6.07 -2.18
C ALA A 17 1.23 -6.67 -1.31
N ARG A 18 1.25 -7.99 -1.13
CA ARG A 18 0.26 -8.65 -0.27
C ARG A 18 0.42 -8.23 1.19
N VAL A 19 1.64 -8.19 1.68
CA VAL A 19 1.83 -7.77 3.07
C VAL A 19 1.36 -6.34 3.28
N LEU A 20 1.79 -5.45 2.43
CA LEU A 20 1.44 -4.03 2.60
C LEU A 20 -0.06 -3.84 2.40
N GLY A 21 -0.63 -4.46 1.38
CA GLY A 21 -2.05 -4.34 1.14
C GLY A 21 -2.88 -4.84 2.30
N ALA A 22 -2.53 -6.02 2.81
CA ALA A 22 -3.26 -6.61 3.93
C ALA A 22 -3.21 -5.74 5.17
N LEU A 23 -2.04 -5.17 5.46
CA LEU A 23 -1.88 -4.35 6.65
C LEU A 23 -2.62 -3.02 6.56
N PHE A 24 -2.90 -2.57 5.34
CA PHE A 24 -3.78 -1.41 5.14
C PHE A 24 -5.25 -1.76 5.03
N TYR A 25 -5.58 -2.99 4.70
CA TYR A 25 -6.96 -3.39 4.44
C TYR A 25 -7.67 -3.96 5.66
N TYR A 26 -6.96 -4.80 6.40
CA TYR A 26 -7.54 -5.50 7.55
C TYR A 26 -7.19 -4.86 8.87
N SER A 27 -8.09 -4.94 9.83
CA SER A 27 -7.78 -4.59 11.21
C SER A 27 -6.55 -5.38 11.69
N PRO A 28 -5.73 -4.78 12.56
CA PRO A 28 -4.53 -5.47 13.05
C PRO A 28 -4.85 -6.67 13.95
N GLU A 29 -6.11 -6.83 14.35
CA GLU A 29 -6.60 -7.97 15.11
C GLU A 29 -7.23 -9.05 14.26
N SER A 30 -7.26 -8.84 12.95
CA SER A 30 -7.89 -9.79 12.05
C SER A 30 -7.17 -11.12 12.07
N HIS A 31 -7.90 -12.20 11.82
CA HIS A 31 -7.25 -13.50 11.61
C HIS A 31 -6.25 -13.43 10.45
N GLU A 32 -6.54 -12.58 9.47
CA GLU A 32 -5.71 -12.46 8.27
C GLU A 32 -4.34 -11.89 8.56
N THR A 33 -4.25 -10.93 9.48
CA THR A 33 -3.00 -10.21 9.67
C THR A 33 -2.44 -10.20 11.07
N ALA A 34 -3.20 -10.60 12.10
CA ALA A 34 -2.66 -10.56 13.45
C ALA A 34 -1.32 -11.25 13.56
N PRO A 35 -1.10 -12.42 12.96
CA PRO A 35 0.23 -13.03 13.07
C PRO A 35 1.36 -12.18 12.46
N LEU A 36 1.07 -11.49 11.35
CA LEU A 36 2.06 -10.57 10.77
C LEU A 36 2.33 -9.39 11.70
N VAL A 37 1.28 -8.83 12.26
CA VAL A 37 1.41 -7.76 13.22
C VAL A 37 2.29 -8.17 14.40
N GLN A 38 2.03 -9.35 14.97
CA GLN A 38 2.79 -9.82 16.11
C GLN A 38 4.26 -9.94 15.77
N ALA A 39 4.57 -10.45 14.57
CA ALA A 39 5.94 -10.60 14.12
C ALA A 39 6.62 -9.23 13.94
N LEU A 40 5.92 -8.27 13.35
CA LEU A 40 6.47 -6.93 13.22
C LEU A 40 6.76 -6.30 14.58
N LEU A 41 5.92 -6.57 15.58
CA LEU A 41 6.09 -6.00 16.91
C LEU A 41 7.20 -6.63 17.71
N ASN A 42 7.50 -7.90 17.47
CA ASN A 42 8.33 -8.67 18.38
C ASN A 42 9.50 -9.44 17.78
N ASP A 43 9.46 -9.74 16.49
CA ASP A 43 10.36 -10.73 15.91
C ASP A 43 11.29 -10.14 14.87
N ASP A 44 12.25 -10.95 14.45
CA ASP A 44 13.28 -10.56 13.50
C ASP A 44 12.83 -10.97 12.11
N TRP A 45 12.54 -10.00 11.25
CA TRP A 45 12.00 -10.26 9.91
C TRP A 45 12.70 -9.51 8.78
N GLN A 46 13.42 -8.45 9.08
CA GLN A 46 13.78 -7.48 8.06
C GLN A 46 14.75 -8.04 7.01
N ALA A 47 15.56 -9.01 7.39
CA ALA A 47 16.49 -9.60 6.44
C ALA A 47 15.80 -10.21 5.23
N GLN A 48 14.56 -10.65 5.41
CA GLN A 48 13.79 -11.29 4.35
C GLN A 48 13.00 -10.33 3.46
N TRP A 49 12.97 -9.04 3.80
CA TRP A 49 12.25 -8.02 3.02
C TRP A 49 13.20 -7.47 1.98
N PRO A 50 12.75 -7.35 0.74
CA PRO A 50 13.63 -6.95 -0.35
C PRO A 50 13.88 -5.45 -0.46
N LEU A 51 14.49 -4.91 0.58
CA LEU A 51 15.02 -3.56 0.59
C LEU A 51 16.40 -3.62 1.26
N ASP A 52 17.21 -2.63 0.96
CA ASP A 52 18.53 -2.44 1.57
C ASP A 52 18.43 -2.35 3.10
N ALA A 53 19.35 -3.02 3.79
CA ALA A 53 19.34 -3.09 5.23
C ALA A 53 19.39 -1.72 5.89
N GLU A 54 20.17 -0.79 5.34
CA GLU A 54 20.32 0.53 5.93
C GLU A 54 19.00 1.30 5.90
N ALA A 55 18.25 1.12 4.82
CA ALA A 55 16.95 1.79 4.69
C ALA A 55 15.91 1.15 5.60
N LEU A 56 16.00 -0.16 5.75
CA LEU A 56 15.01 -0.89 6.53
C LEU A 56 15.15 -0.76 8.03
N ALA A 57 16.38 -0.64 8.53
CA ALA A 57 16.61 -0.70 9.96
C ALA A 57 15.78 0.29 10.78
N PRO A 58 15.72 1.56 10.40
CA PRO A 58 14.87 2.50 11.16
C PRO A 58 13.40 2.13 11.09
N VAL A 59 12.97 1.56 9.96
CA VAL A 59 11.57 1.23 9.78
C VAL A 59 11.19 0.06 10.67
N ALA A 60 12.01 -0.99 10.68
CA ALA A 60 11.79 -2.12 11.56
C ALA A 60 11.72 -1.66 13.01
N ALA A 61 12.60 -0.73 13.42
CA ALA A 61 12.58 -0.24 14.77
C ALA A 61 11.35 0.56 15.09
N MSE A 62 10.90 1.35 14.12
CA MSE A 62 9.69 2.14 14.30
C MSE A 62 8.46 1.24 14.53
O MSE A 62 7.61 1.55 15.36
CB MSE A 62 9.48 3.10 13.12
CG MSE A 62 8.34 4.07 13.31
SE MSE A 62 8.51 5.28 14.79
CE MSE A 62 9.88 6.37 14.06
N PHE A 63 8.37 0.12 13.82
CA PHE A 63 7.26 -0.83 14.07
C PHE A 63 7.19 -1.25 15.51
N LYS A 64 8.34 -1.40 16.16
CA LYS A 64 8.45 -1.90 17.54
C LYS A 64 8.37 -0.79 18.58
N THR A 65 8.24 0.45 18.14
CA THR A 65 8.28 1.58 19.04
C THR A 65 6.97 1.74 19.76
N HIS A 66 7.10 2.00 21.04
CA HIS A 66 5.97 2.05 21.95
C HIS A 66 5.05 3.25 21.76
N SER A 67 3.74 3.03 21.88
CA SER A 67 2.75 4.08 22.11
C SER A 67 1.77 3.63 23.18
N GLU A 68 1.24 4.59 23.93
CA GLU A 68 0.18 4.31 24.88
C GLU A 68 -1.15 4.02 24.16
N GLU A 69 -1.30 4.51 22.94
CA GLU A 69 -2.44 4.17 22.09
C GLU A 69 -2.26 2.75 21.56
N SER A 70 -3.27 1.91 21.66
CA SER A 70 -3.20 0.53 21.16
C SER A 70 -3.34 0.51 19.65
N LEU A 71 -2.95 -0.60 19.06
CA LEU A 71 -3.10 -0.78 17.63
C LEU A 71 -4.56 -0.74 17.24
N PRO A 72 -5.46 -1.44 17.93
CA PRO A 72 -6.89 -1.33 17.59
C PRO A 72 -7.42 0.09 17.71
N GLN A 73 -6.96 0.87 18.70
CA GLN A 73 -7.33 2.27 18.77
C GLN A 73 -6.87 3.04 17.55
N ALA A 74 -5.63 2.82 17.15
CA ALA A 74 -5.06 3.56 16.03
C ALA A 74 -5.75 3.20 14.73
N TRP A 75 -6.02 1.92 14.54
CA TRP A 75 -6.71 1.46 13.33
C TRP A 75 -8.07 2.18 13.19
N GLN A 76 -8.84 2.15 14.26
CA GLN A 76 -10.14 2.80 14.27
C GLN A 76 -9.97 4.29 13.92
N ARG A 77 -9.06 4.96 14.59
CA ARG A 77 -8.86 6.41 14.39
C ARG A 77 -8.42 6.73 12.96
N LEU A 78 -7.52 5.92 12.42
CA LEU A 78 -6.91 6.22 11.13
C LEU A 78 -7.80 5.86 9.96
N PHE A 79 -8.63 4.83 10.12
CA PHE A 79 -9.33 4.20 8.98
C PHE A 79 -10.85 4.17 9.11
N ILE A 80 -11.39 4.32 10.32
CA ILE A 80 -12.83 4.12 10.53
C ILE A 80 -13.60 5.37 10.95
N GLY A 81 -13.17 6.03 12.03
CA GLY A 81 -13.89 7.18 12.55
C GLY A 81 -13.96 7.14 14.07
N PRO A 82 -14.79 7.98 14.68
CA PRO A 82 -15.78 8.82 13.99
C PRO A 82 -15.26 10.14 13.45
N TYR A 83 -14.10 10.60 13.89
CA TYR A 83 -13.55 11.88 13.43
C TYR A 83 -12.92 11.70 12.05
N ALA A 84 -12.78 12.79 11.31
CA ALA A 84 -12.22 12.75 9.97
C ALA A 84 -10.86 12.05 9.99
N LEU A 85 -10.64 11.21 8.97
CA LEU A 85 -9.38 10.48 8.85
C LEU A 85 -8.26 11.42 8.44
N PRO A 86 -7.09 11.33 9.05
CA PRO A 86 -6.00 12.21 8.65
C PRO A 86 -5.56 12.05 7.20
N SER A 87 -5.62 10.82 6.67
CA SER A 87 -5.22 10.54 5.29
C SER A 87 -6.11 9.42 4.77
N PRO A 88 -7.27 9.75 4.21
CA PRO A 88 -8.22 8.71 3.77
C PRO A 88 -7.62 7.81 2.68
N PRO A 89 -7.63 6.50 2.85
CA PRO A 89 -6.97 5.61 1.90
C PRO A 89 -7.75 5.24 0.64
N TRP A 90 -8.43 6.21 0.01
CA TRP A 90 -9.18 5.95 -1.22
C TRP A 90 -8.74 6.95 -2.26
N GLY A 91 -8.53 6.46 -3.48
CA GLY A 91 -7.97 7.26 -4.54
C GLY A 91 -8.77 8.51 -4.86
N SER A 92 -10.08 8.38 -4.89
CA SER A 92 -10.92 9.50 -5.31
C SER A 92 -10.94 10.64 -4.29
N VAL A 93 -10.55 10.38 -3.05
CA VAL A 93 -10.38 11.46 -2.10
C VAL A 93 -9.32 12.47 -2.57
N TRP A 94 -8.31 11.95 -3.25
CA TRP A 94 -7.14 12.71 -3.70
C TRP A 94 -7.30 13.20 -5.14
N LEU A 95 -7.92 12.39 -5.98
CA LEU A 95 -7.98 12.64 -7.42
C LEU A 95 -9.27 13.31 -7.91
N ASP A 96 -10.33 13.33 -7.10
CA ASP A 96 -11.63 13.94 -7.50
C ASP A 96 -11.65 15.32 -6.87
N ARG A 97 -12.12 16.33 -7.62
CA ARG A 97 -12.21 17.70 -7.09
C ARG A 97 -13.02 17.79 -5.81
N GLU A 98 -14.09 16.98 -5.70
CA GLU A 98 -14.97 17.01 -4.53
C GLU A 98 -14.57 16.04 -3.44
N SER A 99 -13.57 15.20 -3.68
CA SER A 99 -12.98 14.42 -2.60
C SER A 99 -13.98 13.49 -1.92
N VAL A 100 -14.69 12.71 -2.71
CA VAL A 100 -15.72 11.81 -2.23
C VAL A 100 -15.24 10.41 -2.53
N LEU A 101 -15.88 9.42 -1.91
CA LEU A 101 -15.78 8.01 -2.32
C LEU A 101 -16.57 7.78 -3.61
N PHE A 102 -16.19 6.74 -4.35
CA PHE A 102 -16.86 6.39 -5.60
C PHE A 102 -16.85 7.57 -6.58
N GLY A 103 -15.73 8.26 -6.67
CA GLY A 103 -15.55 9.39 -7.54
C GLY A 103 -15.16 9.06 -8.96
N ASP A 104 -14.80 10.10 -9.71
CA ASP A 104 -14.49 9.95 -11.12
C ASP A 104 -13.28 9.05 -11.32
N SER A 105 -12.27 9.15 -10.44
CA SER A 105 -11.10 8.28 -10.57
C SER A 105 -11.44 6.82 -10.27
N THR A 106 -12.40 6.60 -9.37
CA THR A 106 -12.87 5.26 -9.08
C THR A 106 -13.50 4.69 -10.34
N LEU A 107 -14.32 5.49 -11.03
CA LEU A 107 -14.96 5.01 -12.26
C LEU A 107 -13.94 4.74 -13.37
N ALA A 108 -12.87 5.52 -13.42
CA ALA A 108 -11.82 5.27 -14.40
C ALA A 108 -11.12 3.93 -14.12
N LEU A 109 -10.84 3.65 -12.85
CA LEU A 109 -10.32 2.35 -12.43
C LEU A 109 -11.26 1.21 -12.82
N ARG A 110 -12.56 1.38 -12.53
CA ARG A 110 -13.56 0.37 -12.90
C ARG A 110 -13.60 0.08 -14.38
N GLN A 111 -13.50 1.12 -15.19
CA GLN A 111 -13.52 0.93 -16.63
C GLN A 111 -12.31 0.15 -17.10
N TRP A 112 -11.17 0.47 -16.52
CA TRP A 112 -9.93 -0.22 -16.86
C TRP A 112 -10.03 -1.68 -16.48
N MSE A 113 -10.58 -1.98 -15.31
CA MSE A 113 -10.75 -3.36 -14.84
C MSE A 113 -11.67 -4.11 -15.81
O MSE A 113 -11.35 -5.22 -16.25
CB MSE A 113 -11.30 -3.41 -13.42
CG MSE A 113 -10.32 -2.94 -12.37
SE MSE A 113 -11.13 -2.74 -10.62
CE MSE A 113 -11.33 -4.59 -10.24
N ARG A 114 -12.78 -3.49 -16.18
CA ARG A 114 -13.75 -4.13 -17.08
C ARG A 114 -13.14 -4.45 -18.43
N GLU A 115 -12.41 -3.51 -19.00
CA GLU A 115 -11.85 -3.71 -20.34
C GLU A 115 -10.77 -4.79 -20.33
N ASN A 116 -10.18 -5.04 -19.17
CA ASN A 116 -9.18 -6.09 -19.02
C ASN A 116 -9.73 -7.37 -18.39
N GLY A 117 -11.04 -7.50 -18.22
CA GLY A 117 -11.64 -8.72 -17.70
C GLY A 117 -11.35 -9.01 -16.24
N ILE A 118 -11.14 -7.95 -15.47
CA ILE A 118 -10.78 -8.06 -14.06
C ILE A 118 -11.99 -7.74 -13.19
N GLN A 119 -12.37 -8.65 -12.28
CA GLN A 119 -13.39 -8.33 -11.27
C GLN A 119 -13.05 -8.91 -9.90
N GLU A 126 -18.57 -0.89 -0.91
CA GLU A 126 -17.10 -0.82 -0.89
C GLU A 126 -16.49 -0.40 -2.25
N PRO A 127 -15.82 0.77 -2.33
CA PRO A 127 -15.11 1.15 -3.57
C PRO A 127 -13.81 0.37 -3.80
N GLU A 128 -13.44 0.23 -5.07
CA GLU A 128 -12.32 -0.59 -5.49
C GLU A 128 -10.97 0.09 -5.32
N ASP A 129 -11.01 1.40 -5.10
CA ASP A 129 -9.77 2.23 -5.08
C ASP A 129 -9.20 2.46 -3.68
N HIS A 130 -9.51 1.56 -2.74
CA HIS A 130 -8.81 1.56 -1.46
C HIS A 130 -7.35 1.19 -1.69
N PHE A 131 -6.46 1.91 -1.00
CA PHE A 131 -5.03 1.66 -1.12
C PHE A 131 -4.68 0.18 -0.95
N GLY A 132 -5.20 -0.43 0.10
CA GLY A 132 -4.91 -1.83 0.36
C GLY A 132 -5.51 -2.72 -0.70
N SER A 133 -6.76 -2.45 -1.10
CA SER A 133 -7.38 -3.25 -2.15
C SER A 133 -6.58 -3.20 -3.45
N LEU A 134 -6.08 -2.02 -3.81
CA LEU A 134 -5.30 -1.91 -5.04
C LEU A 134 -3.99 -2.69 -4.99
N LEU A 135 -3.34 -2.67 -3.83
CA LEU A 135 -2.11 -3.48 -3.67
C LEU A 135 -2.41 -4.96 -3.74
N LEU A 136 -3.51 -5.38 -3.16
CA LEU A 136 -3.91 -6.79 -3.22
C LEU A 136 -4.25 -7.18 -4.65
N LEU A 137 -4.92 -6.31 -5.38
CA LEU A 137 -5.15 -6.56 -6.79
C LEU A 137 -3.85 -6.61 -7.62
N ALA A 138 -2.92 -5.71 -7.36
CA ALA A 138 -1.63 -5.72 -8.04
C ALA A 138 -0.92 -7.07 -7.80
N ALA A 139 -0.96 -7.52 -6.55
CA ALA A 139 -0.33 -8.80 -6.19
C ALA A 139 -0.98 -9.93 -6.99
N TRP A 140 -2.31 -9.94 -7.03
CA TRP A 140 -3.04 -10.99 -7.76
C TRP A 140 -2.67 -10.98 -9.22
N LEU A 141 -2.58 -9.79 -9.82
CA LEU A 141 -2.24 -9.71 -11.23
C LEU A 141 -0.83 -10.30 -11.49
N ALA A 142 0.13 -9.97 -10.62
CA ALA A 142 1.49 -10.44 -10.77
C ALA A 142 1.54 -11.95 -10.59
N GLU A 143 0.76 -12.47 -9.66
CA GLU A 143 0.72 -13.91 -9.34
C GLU A 143 0.12 -14.72 -10.48
N ASN A 144 -0.71 -14.08 -11.29
CA ASN A 144 -1.41 -14.76 -12.37
C ASN A 144 -0.84 -14.36 -13.74
N ASP A 145 0.42 -13.93 -13.72
CA ASP A 145 1.20 -13.64 -14.92
C ASP A 145 0.63 -12.54 -15.81
N ARG A 146 -0.11 -11.62 -15.21
CA ARG A 146 -0.71 -10.46 -15.89
C ARG A 146 0.12 -9.23 -15.56
N HIS A 147 1.37 -9.27 -15.97
CA HIS A 147 2.33 -8.23 -15.62
C HIS A 147 2.07 -6.89 -16.29
N HIS A 148 1.68 -6.92 -17.55
CA HIS A 148 1.34 -5.72 -18.32
C HIS A 148 0.21 -4.98 -17.60
N GLU A 149 -0.81 -5.73 -17.20
CA GLU A 149 -1.96 -5.15 -16.50
C GLU A 149 -1.56 -4.62 -15.14
N CYS A 150 -0.71 -5.37 -14.43
CA CYS A 150 -0.22 -4.91 -13.13
C CYS A 150 0.46 -3.54 -13.27
N GLU A 151 1.32 -3.38 -14.28
CA GLU A 151 2.04 -2.14 -14.45
C GLU A 151 1.08 -0.99 -14.78
N GLN A 152 0.05 -1.26 -15.58
CA GLN A 152 -0.96 -0.24 -15.84
C GLN A 152 -1.73 0.13 -14.58
N LEU A 153 -2.12 -0.85 -13.78
CA LEU A 153 -2.76 -0.55 -12.51
C LEU A 153 -1.90 0.40 -11.66
N LEU A 154 -0.63 0.07 -11.54
CA LEU A 154 0.26 0.88 -10.72
C LEU A 154 0.42 2.28 -11.31
N ALA A 155 0.79 2.33 -12.60
CA ALA A 155 1.12 3.58 -13.26
C ALA A 155 -0.06 4.55 -13.36
N TRP A 156 -1.26 4.00 -13.57
CA TRP A 156 -2.42 4.82 -13.93
C TRP A 156 -3.41 4.97 -12.80
N HIS A 157 -3.49 4.03 -11.87
CA HIS A 157 -4.56 3.99 -10.88
C HIS A 157 -4.08 3.98 -9.44
N LEU A 158 -2.79 3.76 -9.19
CA LEU A 158 -2.24 3.80 -7.82
C LEU A 158 -1.22 4.90 -7.62
N PHE A 159 -0.12 4.85 -8.36
CA PHE A 159 0.97 5.82 -8.19
C PHE A 159 0.61 7.28 -8.41
N PRO A 160 -0.39 7.62 -9.23
CA PRO A 160 -0.74 9.05 -9.31
C PRO A 160 -1.16 9.66 -7.97
N TRP A 161 -1.67 8.87 -7.04
CA TRP A 161 -2.10 9.41 -5.73
C TRP A 161 -1.40 8.80 -4.52
N SER A 162 -0.76 7.66 -4.69
CA SER A 162 -0.27 6.93 -3.53
C SER A 162 0.82 7.66 -2.79
N SER A 163 1.69 8.36 -3.49
CA SER A 163 2.79 9.07 -2.82
C SER A 163 2.24 10.21 -1.96
N ARG A 164 1.22 10.91 -2.44
CA ARG A 164 0.60 11.99 -1.69
C ARG A 164 -0.11 11.42 -0.45
N PHE A 165 -0.93 10.40 -0.66
CA PHE A 165 -1.63 9.72 0.42
C PHE A 165 -0.61 9.26 1.49
N LEU A 166 0.47 8.64 1.05
CA LEU A 166 1.48 8.13 1.99
C LEU A 166 2.22 9.25 2.71
N ASP A 167 2.52 10.34 2.03
CA ASP A 167 3.20 11.44 2.70
C ASP A 167 2.35 11.98 3.84
N VAL A 168 1.06 12.20 3.59
CA VAL A 168 0.16 12.71 4.60
C VAL A 168 -0.01 11.68 5.71
N PHE A 169 -0.17 10.41 5.34
CA PHE A 169 -0.37 9.36 6.32
C PHE A 169 0.82 9.24 7.27
N ILE A 170 2.03 9.25 6.72
CA ILE A 170 3.22 9.16 7.53
C ILE A 170 3.31 10.34 8.49
N ASP A 171 3.01 11.53 7.99
CA ASP A 171 3.15 12.74 8.79
C ASP A 171 2.13 12.81 9.90
N HIS A 172 0.96 12.23 9.68
CA HIS A 172 -0.17 12.40 10.59
C HIS A 172 -0.68 11.14 11.27
N ALA A 173 -0.08 9.98 11.01
CA ALA A 173 -0.52 8.72 11.60
C ALA A 173 -0.52 8.78 13.12
N GLY A 174 0.58 9.27 13.69
CA GLY A 174 0.65 9.47 15.13
C GLY A 174 0.66 8.23 16.00
N HIS A 175 0.84 7.06 15.40
CA HIS A 175 1.16 5.82 16.08
C HIS A 175 2.35 5.23 15.36
N PRO A 176 3.41 4.87 16.08
CA PRO A 176 4.62 4.39 15.42
C PRO A 176 4.42 3.19 14.49
N PHE A 177 3.53 2.28 14.83
CA PHE A 177 3.31 1.10 14.00
C PHE A 177 2.83 1.52 12.63
N TYR A 178 1.87 2.46 12.60
CA TYR A 178 1.30 2.91 11.34
C TYR A 178 2.22 3.88 10.63
N GLN A 179 3.01 4.67 11.35
CA GLN A 179 4.03 5.48 10.71
C GLN A 179 5.03 4.60 9.98
N ALA A 180 5.45 3.54 10.65
CA ALA A 180 6.39 2.58 10.06
C ALA A 180 5.77 1.87 8.86
N LEU A 181 4.50 1.50 8.93
CA LEU A 181 3.84 0.85 7.82
C LEU A 181 3.83 1.79 6.63
N GLY A 182 3.52 3.06 6.87
CA GLY A 182 3.54 4.06 5.81
C GLY A 182 4.91 4.20 5.20
N GLN A 183 5.94 4.26 6.03
CA GLN A 183 7.31 4.38 5.53
C GLN A 183 7.72 3.15 4.75
N LEU A 184 7.39 1.97 5.22
CA LEU A 184 7.72 0.74 4.50
C LEU A 184 7.05 0.78 3.13
N ALA A 185 5.80 1.15 3.09
CA ALA A 185 5.08 1.25 1.83
C ALA A 185 5.72 2.29 0.94
N ARG A 186 6.07 3.46 1.47
CA ARG A 186 6.66 4.51 0.63
C ARG A 186 7.96 4.00 0.00
N LEU A 187 8.82 3.37 0.77
CA LEU A 187 10.10 2.86 0.25
C LEU A 187 9.90 1.77 -0.78
N THR A 188 8.97 0.87 -0.52
CA THR A 188 8.75 -0.28 -1.37
C THR A 188 8.12 0.16 -2.68
N LEU A 189 7.08 0.98 -2.61
CA LEU A 189 6.44 1.48 -3.82
C LEU A 189 7.37 2.36 -4.62
N ALA A 190 8.28 3.09 -3.99
CA ALA A 190 9.25 3.91 -4.73
C ALA A 190 10.17 3.01 -5.54
N GLN A 191 10.56 1.87 -5.00
CA GLN A 191 11.39 0.91 -5.72
C GLN A 191 10.61 0.41 -6.92
N TRP A 192 9.33 0.10 -6.76
CA TRP A 192 8.53 -0.39 -7.88
C TRP A 192 8.41 0.67 -8.94
N GLN A 193 8.13 1.91 -8.55
CA GLN A 193 7.94 2.99 -9.50
C GLN A 193 9.20 3.18 -10.33
N ALA A 194 10.37 3.03 -9.71
CA ALA A 194 11.64 3.26 -10.38
C ALA A 194 11.91 2.19 -11.43
N GLN A 195 11.30 1.03 -11.30
CA GLN A 195 11.47 -0.09 -12.22
C GLN A 195 10.37 -0.22 -13.25
N LEU A 196 9.31 0.58 -13.14
CA LEU A 196 8.19 0.48 -14.07
C LEU A 196 8.65 0.72 -15.50
N ILE A 197 8.11 -0.06 -16.41
CA ILE A 197 8.37 0.12 -17.83
C ILE A 197 7.71 1.36 -18.42
N ILE A 198 6.51 1.68 -17.92
CA ILE A 198 5.75 2.84 -18.38
C ILE A 198 5.69 3.91 -17.31
N PRO A 199 5.59 5.18 -17.70
CA PRO A 199 5.57 6.29 -16.73
C PRO A 199 4.26 6.38 -15.95
N VAL A 200 4.34 6.97 -14.77
CA VAL A 200 3.17 7.22 -13.95
C VAL A 200 2.36 8.29 -14.63
N ALA A 201 1.05 8.09 -14.70
CA ALA A 201 0.17 9.14 -15.15
C ALA A 201 0.22 10.35 -14.21
N VAL A 202 0.36 11.54 -14.78
CA VAL A 202 0.39 12.75 -13.97
C VAL A 202 -1.05 13.27 -13.90
N LYS A 203 -1.63 13.24 -12.72
CA LYS A 203 -3.01 13.64 -12.51
C LYS A 203 -3.11 14.70 -11.41
N PRO A 204 -4.02 15.64 -11.55
CA PRO A 204 -4.20 16.63 -10.50
C PRO A 204 -4.54 15.99 -9.14
N LEU A 205 -3.98 16.56 -8.10
CA LEU A 205 -4.24 16.16 -6.72
C LEU A 205 -4.92 17.32 -6.00
N PHE A 206 -5.98 17.05 -5.28
CA PHE A 206 -6.83 18.12 -4.76
C PHE A 206 -6.71 18.33 -3.24
N ARG A 207 -6.01 17.42 -2.58
CA ARG A 207 -5.91 17.34 -1.11
C ARG A 207 -4.47 17.07 -0.72
S SO4 B . 12.70 -15.52 14.59
O1 SO4 B . 12.73 -16.64 13.64
O2 SO4 B . 13.37 -15.92 15.82
O3 SO4 B . 11.32 -15.17 14.90
O4 SO4 B . 13.39 -14.37 14.01
S SO4 C . 27.64 -11.95 -8.33
O1 SO4 C . 28.34 -12.74 -9.34
O2 SO4 C . 26.69 -12.80 -7.61
O3 SO4 C . 26.91 -10.86 -8.99
O4 SO4 C . 28.61 -11.39 -7.39
C1 PEG D . -14.70 7.58 7.14
O1 PEG D . -14.49 8.10 5.85
C2 PEG D . -15.66 8.48 7.90
O2 PEG D . -14.96 9.54 8.53
C3 PEG D . -15.84 10.45 9.22
C4 PEG D . -15.44 11.90 8.93
O4 PEG D . -16.54 12.66 8.46
C1 PEG E . 7.52 -2.87 -11.03
O1 PEG E . 8.62 -3.76 -10.94
C2 PEG E . 6.24 -3.63 -10.73
O2 PEG E . 5.96 -4.52 -11.80
C3 PEG E . 4.78 -5.29 -11.56
C4 PEG E . 4.76 -6.49 -12.50
O4 PEG E . 5.46 -7.55 -11.90
C1 PEG F . -9.76 -8.45 -0.09
O1 PEG F . -10.73 -9.46 -0.35
C2 PEG F . -9.71 -7.45 -1.25
O2 PEG F . -8.90 -7.98 -2.29
C3 PEG F . -8.96 -7.21 -3.50
C4 PEG F . -8.00 -7.83 -4.53
O4 PEG F . -8.52 -9.02 -5.11
C1 PEG G . -6.07 10.02 20.48
O1 PEG G . -6.91 10.76 19.59
C2 PEG G . -6.87 9.54 21.68
O2 PEG G . -6.85 8.10 21.77
C3 PEG G . -7.87 7.56 22.61
C4 PEG G . -7.48 7.61 24.09
O4 PEG G . -8.62 7.88 24.89
C1 PEG H . -1.89 -12.30 4.46
O1 PEG H . -3.28 -12.21 4.23
C2 PEG H . -1.53 -13.69 4.99
O2 PEG H . -0.77 -13.55 6.20
C3 PEG H . 0.06 -14.68 6.49
C4 PEG H . 0.02 -14.96 7.99
O4 PEG H . -1.30 -14.76 8.47
#